data_5BTX
#
_entry.id   5BTX
#
_cell.length_a   32.622
_cell.length_b   57.446
_cell.length_c   63.779
_cell.angle_alpha   90.00
_cell.angle_beta   93.32
_cell.angle_gamma   90.00
#
_symmetry.space_group_name_H-M   'P 1 21 1'
#
loop_
_entity.id
_entity.type
_entity.pdbx_description
1 polymer lpg1496
2 non-polymer "ADENOSINE-3',5'-CYCLIC-MONOPHOSPHATE"
3 water water
#
_entity_poly.entity_id   1
_entity_poly.type   'polypeptide(L)'
_entity_poly.pdbx_seq_one_letter_code
;MVTKIIWVSNNGKPNLKIEFVSEEEKSNFFKEVKKKASELGLNFPLVQGSGNSLLIEASNYPINPCGCYISPGGKLAINF
GKVELSHFILPKVGVKTEHAEIFKDHNTIFFHKHKLPGVNSELTFIPTGTPVIVPVTKLEHHHHHH
;
_entity_poly.pdbx_strand_id   A,B
#
loop_
_chem_comp.id
_chem_comp.type
_chem_comp.name
_chem_comp.formula
CMP non-polymer ADENOSINE-3',5'-CYCLIC-MONOPHOSPHATE 'C10 H12 N5 O6 P'
#
# COMPACT_ATOMS: atom_id res chain seq x y z
N MET A 1 10.21 11.95 24.92
CA MET A 1 9.83 12.37 23.53
C MET A 1 9.53 11.17 22.62
N VAL A 2 8.97 11.48 21.43
CA VAL A 2 8.96 10.51 20.32
C VAL A 2 10.35 10.59 19.72
N THR A 3 11.04 9.47 19.73
CA THR A 3 12.40 9.40 19.23
C THR A 3 12.44 9.14 17.72
N LYS A 4 11.47 8.40 17.19
CA LYS A 4 11.54 8.03 15.78
C LYS A 4 10.18 7.59 15.26
N ILE A 5 9.92 7.90 13.99
CA ILE A 5 8.75 7.35 13.28
CA ILE A 5 8.75 7.35 13.28
C ILE A 5 9.18 6.63 12.01
N ILE A 6 8.38 5.63 11.60
CA ILE A 6 8.74 4.80 10.46
C ILE A 6 7.53 4.56 9.55
N TRP A 7 7.75 4.66 8.24
CA TRP A 7 6.79 4.21 7.24
C TRP A 7 6.93 2.69 7.16
N VAL A 8 5.96 1.95 7.68
CA VAL A 8 5.97 0.50 7.48
C VAL A 8 4.80 0.04 6.63
N SER A 9 4.95 -1.17 6.08
CA SER A 9 3.88 -1.89 5.42
C SER A 9 3.52 -3.17 6.18
N ASN A 10 2.22 -3.35 6.42
CA ASN A 10 1.67 -4.48 7.15
C ASN A 10 0.43 -4.99 6.43
N ASN A 11 0.47 -6.25 6.01
CA ASN A 11 -0.62 -6.86 5.24
C ASN A 11 -0.99 -5.95 4.05
N GLY A 12 0.04 -5.49 3.36
CA GLY A 12 -0.10 -4.66 2.14
C GLY A 12 -0.75 -3.30 2.36
N LYS A 13 -0.58 -2.75 3.58
CA LYS A 13 -1.20 -1.48 3.97
CA LYS A 13 -1.22 -1.50 4.03
C LYS A 13 -0.18 -0.56 4.66
N PRO A 14 -0.23 0.74 4.34
CA PRO A 14 0.78 1.60 4.93
C PRO A 14 0.45 1.86 6.42
N ASN A 15 1.47 1.74 7.28
CA ASN A 15 1.33 2.20 8.70
C ASN A 15 2.40 3.24 9.05
N LEU A 16 2.15 4.00 10.12
CA LEU A 16 3.20 4.75 10.73
C LEU A 16 3.54 4.11 12.06
N LYS A 17 4.75 3.55 12.17
CA LYS A 17 5.21 3.10 13.48
C LYS A 17 5.84 4.28 14.25
N ILE A 18 5.37 4.51 15.47
CA ILE A 18 5.88 5.58 16.37
C ILE A 18 6.62 4.98 17.56
N GLU A 19 7.88 5.37 17.74
CA GLU A 19 8.68 4.85 18.84
C GLU A 19 8.87 5.89 19.95
N PHE A 20 8.81 5.42 21.20
CA PHE A 20 8.92 6.31 22.33
C PHE A 20 10.16 5.98 23.12
N VAL A 21 10.70 6.98 23.80
CA VAL A 21 11.89 6.82 24.62
C VAL A 21 11.67 5.72 25.68
N SER A 22 10.40 5.51 26.04
CA SER A 22 10.04 4.60 27.11
C SER A 22 8.60 4.11 26.99
N GLU A 23 8.31 2.98 27.64
CA GLU A 23 6.96 2.38 27.77
C GLU A 23 5.91 3.32 28.43
N GLU A 24 6.32 4.10 29.42
CA GLU A 24 5.39 5.03 30.10
C GLU A 24 4.91 6.19 29.22
N GLU A 25 5.82 6.74 28.42
CA GLU A 25 5.49 7.77 27.44
C GLU A 25 4.64 7.20 26.29
N LYS A 26 4.90 5.96 25.90
CA LYS A 26 4.09 5.26 24.93
C LYS A 26 2.65 5.09 25.44
N SER A 27 2.52 4.53 26.64
CA SER A 27 1.21 4.27 27.24
C SER A 27 0.38 5.54 27.37
N ASN A 28 1.00 6.59 27.96
CA ASN A 28 0.34 7.88 28.14
C ASN A 28 -0.10 8.46 26.79
N PHE A 29 0.80 8.46 25.80
CA PHE A 29 0.45 8.97 24.47
C PHE A 29 -0.74 8.20 23.95
N PHE A 30 -0.74 6.89 24.17
CA PHE A 30 -1.84 6.04 23.68
C PHE A 30 -3.17 6.47 24.28
N LYS A 31 -3.22 6.62 25.62
CA LYS A 31 -4.45 7.02 26.33
C LYS A 31 -4.95 8.43 26.00
N GLU A 32 -4.03 9.38 25.88
CA GLU A 32 -4.38 10.77 25.62
C GLU A 32 -4.92 10.97 24.21
N VAL A 33 -4.25 10.36 23.23
CA VAL A 33 -4.66 10.51 21.85
C VAL A 33 -6.01 9.81 21.61
N LYS A 34 -6.08 8.52 21.92
CA LYS A 34 -7.36 7.82 21.95
C LYS A 34 -8.51 8.62 22.59
N LYS A 35 -8.30 9.16 23.80
CA LYS A 35 -9.35 9.98 24.45
C LYS A 35 -9.76 11.20 23.64
N LYS A 36 -8.78 12.02 23.24
CA LYS A 36 -9.07 13.18 22.41
C LYS A 36 -9.82 12.73 21.14
N ALA A 37 -9.41 11.60 20.57
CA ALA A 37 -10.10 11.10 19.35
C ALA A 37 -11.58 10.83 19.64
N SER A 38 -11.85 10.12 20.73
CA SER A 38 -13.22 9.71 20.99
C SER A 38 -14.09 10.85 21.40
N GLU A 39 -13.52 11.84 22.08
CA GLU A 39 -14.22 13.08 22.43
C GLU A 39 -14.67 13.81 21.17
N LEU A 40 -13.83 13.78 20.14
CA LEU A 40 -14.16 14.28 18.81
C LEU A 40 -14.99 13.31 17.97
N GLY A 41 -15.31 12.15 18.52
CA GLY A 41 -16.27 11.21 17.91
C GLY A 41 -15.65 10.42 16.75
N LEU A 42 -14.34 10.32 16.78
CA LEU A 42 -13.56 9.72 15.77
C LEU A 42 -13.06 8.37 16.28
N ASN A 43 -13.02 7.41 15.38
CA ASN A 43 -12.29 6.20 15.61
C ASN A 43 -10.93 6.25 14.87
N PHE A 44 -9.91 6.79 15.55
CA PHE A 44 -8.56 6.87 15.00
C PHE A 44 -7.82 5.56 15.30
N PRO A 45 -7.35 4.87 14.24
CA PRO A 45 -6.76 3.53 14.37
C PRO A 45 -5.31 3.53 14.92
N LEU A 46 -5.16 3.87 16.20
CA LEU A 46 -3.87 3.82 16.88
C LEU A 46 -3.91 2.60 17.80
N VAL A 47 -2.96 1.69 17.59
CA VAL A 47 -2.96 0.41 18.28
C VAL A 47 -1.56 0.08 18.83
N GLN A 48 -1.48 -0.91 19.72
CA GLN A 48 -0.21 -1.27 20.35
C GLN A 48 0.75 -1.94 19.39
N GLY A 49 2.02 -1.54 19.44
CA GLY A 49 3.04 -2.08 18.52
C GLY A 49 3.96 -3.00 19.29
N SER A 50 4.49 -2.48 20.39
CA SER A 50 5.43 -3.19 21.24
C SER A 50 5.54 -2.48 22.59
N GLY A 51 6.58 -2.81 23.36
CA GLY A 51 6.85 -2.18 24.65
C GLY A 51 6.98 -0.67 24.59
N ASN A 52 7.51 -0.15 23.48
CA ASN A 52 7.84 1.26 23.32
C ASN A 52 7.35 1.84 21.98
N SER A 53 6.50 1.12 21.28
CA SER A 53 6.01 1.60 19.98
C SER A 53 4.53 1.39 19.79
N LEU A 54 3.95 2.32 19.02
CA LEU A 54 2.56 2.24 18.55
C LEU A 54 2.56 2.34 17.03
N LEU A 55 1.42 1.98 16.44
CA LEU A 55 1.19 2.09 15.01
CA LEU A 55 1.24 2.17 15.02
C LEU A 55 -0.06 2.92 14.78
N ILE A 56 -0.03 3.78 13.77
CA ILE A 56 -1.25 4.34 13.24
C ILE A 56 -1.52 3.44 12.03
N GLU A 57 -2.64 2.73 12.04
CA GLU A 57 -3.02 1.86 10.91
C GLU A 57 -3.58 2.64 9.75
N ALA A 58 -3.90 1.94 8.66
CA ALA A 58 -4.37 2.57 7.45
C ALA A 58 -5.80 3.08 7.63
N SER A 59 -6.16 4.14 6.92
CA SER A 59 -7.55 4.61 6.89
C SER A 59 -8.45 3.60 6.15
N ASN A 60 -9.77 3.68 6.40
CA ASN A 60 -10.79 2.86 5.67
C ASN A 60 -11.80 3.80 5.01
N TYR A 61 -11.29 4.56 4.03
CA TYR A 61 -12.05 5.60 3.35
C TYR A 61 -13.09 4.97 2.41
N PRO A 62 -14.29 5.58 2.30
CA PRO A 62 -14.81 6.78 3.00
C PRO A 62 -15.51 6.49 4.34
N ILE A 63 -15.72 5.21 4.63
CA ILE A 63 -16.35 4.76 5.89
C ILE A 63 -15.65 5.33 7.14
N ASN A 64 -14.37 4.96 7.31
CA ASN A 64 -13.49 5.55 8.34
C ASN A 64 -12.33 6.31 7.68
N PRO A 65 -12.42 7.66 7.60
CA PRO A 65 -11.31 8.45 6.99
C PRO A 65 -10.00 8.46 7.79
N CYS A 66 -10.05 8.03 9.06
CA CYS A 66 -8.86 8.10 9.93
C CYS A 66 -7.78 7.06 9.64
N GLY A 67 -6.54 7.53 9.54
CA GLY A 67 -5.37 6.66 9.41
C GLY A 67 -4.47 7.02 8.22
N CYS A 68 -3.53 6.14 7.91
CA CYS A 68 -2.55 6.32 6.84
C CYS A 68 -3.03 5.91 5.48
N TYR A 69 -2.59 6.66 4.47
CA TYR A 69 -2.81 6.24 3.08
C TYR A 69 -1.69 6.76 2.21
N ILE A 70 -1.53 6.17 1.02
CA ILE A 70 -0.58 6.67 0.04
C ILE A 70 -1.30 7.68 -0.89
N SER A 71 -0.78 8.91 -0.96
CA SER A 71 -1.42 9.97 -1.76
C SER A 71 -1.07 9.74 -3.23
N PRO A 72 -1.79 10.41 -4.18
CA PRO A 72 -1.51 10.02 -5.60
C PRO A 72 -0.09 10.36 -6.07
N GLY A 73 0.65 11.18 -5.32
CA GLY A 73 2.07 11.38 -5.61
C GLY A 73 3.01 10.35 -4.99
N GLY A 74 2.46 9.41 -4.23
CA GLY A 74 3.25 8.39 -3.56
C GLY A 74 3.82 8.83 -2.19
N LYS A 75 3.22 9.83 -1.55
CA LYS A 75 3.63 10.23 -0.21
C LYS A 75 2.80 9.51 0.83
N LEU A 76 3.38 9.29 2.02
CA LEU A 76 2.61 8.80 3.14
C LEU A 76 1.80 9.96 3.71
N ALA A 77 0.50 9.72 3.82
CA ALA A 77 -0.40 10.74 4.26
C ALA A 77 -1.17 10.20 5.44
N ILE A 78 -1.48 11.05 6.41
CA ILE A 78 -2.23 10.56 7.58
C ILE A 78 -3.44 11.47 7.77
N ASN A 79 -4.63 10.90 7.62
CA ASN A 79 -5.86 11.65 7.90
C ASN A 79 -6.19 11.52 9.39
N PHE A 80 -6.35 12.66 10.08
CA PHE A 80 -6.66 12.67 11.53
C PHE A 80 -8.15 12.92 11.85
N GLY A 81 -8.99 12.90 10.83
CA GLY A 81 -10.44 12.98 10.98
C GLY A 81 -10.88 14.43 11.13
N LYS A 82 -10.33 15.09 12.17
CA LYS A 82 -10.59 16.50 12.45
C LYS A 82 -9.32 17.31 12.71
N VAL A 83 -9.38 18.59 12.39
CA VAL A 83 -8.30 19.52 12.60
C VAL A 83 -7.82 19.54 14.08
N GLU A 84 -8.73 19.25 14.98
CA GLU A 84 -8.46 19.29 16.42
C GLU A 84 -7.61 18.10 16.85
N LEU A 85 -7.78 16.95 16.19
CA LEU A 85 -6.97 15.79 16.54
C LEU A 85 -5.55 16.01 15.98
N SER A 86 -5.46 16.65 14.82
CA SER A 86 -4.18 16.96 14.20
C SER A 86 -3.39 17.89 15.14
N HIS A 87 -4.06 18.94 15.57
CA HIS A 87 -3.48 19.92 16.47
C HIS A 87 -2.98 19.26 17.73
N PHE A 88 -3.67 18.19 18.15
CA PHE A 88 -3.36 17.48 19.39
C PHE A 88 -2.15 16.53 19.22
N ILE A 89 -2.18 15.75 18.15
CA ILE A 89 -1.16 14.74 17.96
C ILE A 89 0.18 15.34 17.52
N LEU A 90 0.19 16.14 16.44
CA LEU A 90 1.46 16.59 15.80
C LEU A 90 2.59 17.07 16.71
N PRO A 91 2.33 18.05 17.63
CA PRO A 91 3.35 18.54 18.60
C PRO A 91 3.93 17.44 19.50
N LYS A 92 3.07 16.52 19.96
CA LYS A 92 3.45 15.37 20.74
C LYS A 92 4.33 14.39 19.94
N VAL A 93 4.09 14.30 18.62
CA VAL A 93 5.01 13.54 17.74
C VAL A 93 6.27 14.35 17.39
N GLY A 94 6.13 15.68 17.35
CA GLY A 94 7.20 16.59 16.94
C GLY A 94 7.17 16.93 15.45
N VAL A 95 6.06 16.62 14.79
CA VAL A 95 5.98 16.76 13.34
C VAL A 95 5.65 18.19 13.00
N LYS A 96 6.46 18.75 12.11
CA LYS A 96 6.39 20.16 11.74
C LYS A 96 6.47 20.40 10.23
N THR A 97 6.49 21.66 9.82
CA THR A 97 6.55 22.05 8.40
C THR A 97 7.74 21.46 7.69
N GLU A 98 8.88 21.35 8.38
CA GLU A 98 10.05 20.73 7.73
C GLU A 98 9.84 19.23 7.44
N HIS A 99 8.93 18.60 8.18
CA HIS A 99 8.63 17.15 8.05
C HIS A 99 7.52 16.85 7.05
N ALA A 100 6.47 17.64 7.08
CA ALA A 100 5.31 17.32 6.30
C ALA A 100 4.56 18.56 5.84
N GLU A 101 3.75 18.38 4.79
CA GLU A 101 2.74 19.38 4.45
C GLU A 101 1.58 19.29 5.45
N ILE A 102 1.36 20.39 6.16
CA ILE A 102 0.30 20.56 7.17
C ILE A 102 -0.43 21.86 6.81
N PHE A 103 -1.75 21.85 6.80
CA PHE A 103 -2.54 22.95 6.27
C PHE A 103 -3.50 23.43 7.34
N LYS A 104 -3.92 24.68 7.25
CA LYS A 104 -4.63 25.37 8.31
C LYS A 104 -5.78 24.62 8.94
N ASP A 105 -6.85 24.44 8.18
CA ASP A 105 -8.05 23.81 8.69
C ASP A 105 -8.17 22.39 8.12
N HIS A 106 -7.06 21.88 7.58
CA HIS A 106 -7.03 20.50 7.08
C HIS A 106 -6.94 19.51 8.24
N ASN A 107 -7.36 18.27 7.98
CA ASN A 107 -7.26 17.19 8.93
C ASN A 107 -6.25 16.12 8.50
N THR A 108 -5.61 16.35 7.36
CA THR A 108 -4.68 15.38 6.75
C THR A 108 -3.33 16.03 6.48
N ILE A 109 -2.26 15.36 6.92
CA ILE A 109 -0.88 15.81 6.62
C ILE A 109 -0.25 14.90 5.58
N PHE A 110 0.80 15.42 4.94
CA PHE A 110 1.50 14.70 3.86
C PHE A 110 3.01 14.74 4.08
N PHE A 111 3.64 13.61 4.35
CA PHE A 111 5.10 13.62 4.54
C PHE A 111 5.89 13.92 3.25
N HIS A 112 6.88 14.81 3.35
CA HIS A 112 7.71 15.16 2.19
C HIS A 112 8.41 13.90 1.69
N LYS A 113 8.43 13.71 0.38
CA LYS A 113 9.18 12.59 -0.19
C LYS A 113 10.65 12.64 0.18
N HIS A 114 11.26 13.82 0.21
CA HIS A 114 12.68 13.92 0.58
C HIS A 114 12.91 13.61 2.08
N LYS A 115 11.83 13.38 2.82
CA LYS A 115 11.93 13.11 4.25
C LYS A 115 11.55 11.68 4.64
N LEU A 116 10.42 11.23 4.10
CA LEU A 116 10.07 9.80 4.13
C LEU A 116 9.74 9.34 2.71
N PRO A 117 10.76 8.90 1.96
CA PRO A 117 10.59 8.45 0.55
C PRO A 117 9.79 7.16 0.30
N GLY A 118 9.79 6.23 1.25
CA GLY A 118 9.11 4.97 1.00
C GLY A 118 9.10 4.01 2.16
N VAL A 119 8.64 2.78 1.87
CA VAL A 119 8.42 1.77 2.88
C VAL A 119 9.70 1.56 3.67
N ASN A 120 9.59 1.52 5.00
CA ASN A 120 10.75 1.43 5.90
C ASN A 120 11.66 2.67 6.02
N SER A 121 11.24 3.79 5.44
CA SER A 121 11.96 5.04 5.65
C SER A 121 11.70 5.52 7.07
N GLU A 122 12.73 6.08 7.67
CA GLU A 122 12.74 6.49 9.05
C GLU A 122 13.03 7.95 9.16
N LEU A 123 12.36 8.60 10.11
CA LEU A 123 12.68 9.94 10.56
C LEU A 123 12.95 9.86 12.06
N THR A 124 14.14 10.30 12.47
CA THR A 124 14.53 10.25 13.88
C THR A 124 14.50 11.67 14.40
N PHE A 125 13.93 11.84 15.59
CA PHE A 125 13.93 13.12 16.31
C PHE A 125 14.97 13.00 17.40
N ILE A 126 15.87 13.97 17.41
CA ILE A 126 16.90 14.08 18.43
C ILE A 126 16.71 15.41 19.18
N PRO A 127 16.70 15.38 20.55
CA PRO A 127 16.34 16.56 21.34
C PRO A 127 17.23 17.77 21.04
N THR A 128 16.58 18.92 20.85
CA THR A 128 17.27 20.18 20.55
C THR A 128 18.07 20.59 21.77
N GLY A 129 19.23 21.21 21.53
CA GLY A 129 20.08 21.68 22.59
C GLY A 129 20.93 20.60 23.20
N THR A 130 20.92 19.39 22.63
CA THR A 130 21.72 18.33 23.25
C THR A 130 23.19 18.36 22.80
N PRO A 131 24.15 18.18 23.75
CA PRO A 131 25.58 18.19 23.44
C PRO A 131 25.93 17.45 22.14
N VAL A 132 26.76 18.10 21.34
CA VAL A 132 27.19 17.63 20.04
C VAL A 132 28.72 17.83 19.95
N MET B 1 -8.67 3.39 -8.55
CA MET B 1 -8.40 1.95 -8.25
C MET B 1 -8.48 1.10 -9.55
N VAL B 2 -7.92 -0.11 -9.47
CA VAL B 2 -8.24 -1.18 -10.46
C VAL B 2 -9.64 -1.72 -10.17
N THR B 3 -10.51 -1.72 -11.18
CA THR B 3 -11.92 -2.05 -11.01
C THR B 3 -12.22 -3.47 -11.48
N LYS B 4 -11.34 -4.04 -12.30
CA LYS B 4 -11.57 -5.36 -12.84
C LYS B 4 -10.26 -5.99 -13.35
N ILE B 5 -10.14 -7.29 -13.14
CA ILE B 5 -9.09 -8.06 -13.78
C ILE B 5 -9.69 -9.25 -14.53
N ILE B 6 -9.07 -9.63 -15.63
CA ILE B 6 -9.70 -10.61 -16.50
C ILE B 6 -8.65 -11.52 -17.17
N TRP B 7 -8.82 -12.82 -16.94
CA TRP B 7 -8.05 -13.89 -17.59
C TRP B 7 -8.43 -13.97 -19.07
N VAL B 8 -7.53 -13.54 -19.97
CA VAL B 8 -7.80 -13.61 -21.42
C VAL B 8 -6.80 -14.52 -22.10
N SER B 9 -7.04 -14.75 -23.39
CA SER B 9 -6.07 -15.40 -24.27
C SER B 9 -5.70 -14.62 -25.55
N ASN B 10 -4.47 -14.10 -25.54
CA ASN B 10 -3.80 -13.53 -26.69
C ASN B 10 -2.45 -14.23 -26.73
N ASN B 11 -2.40 -15.45 -27.28
CA ASN B 11 -3.11 -15.82 -28.51
C ASN B 11 -3.42 -17.28 -28.32
N GLY B 12 -2.37 -18.07 -28.32
CA GLY B 12 -2.42 -19.35 -27.66
C GLY B 12 -2.05 -19.21 -26.20
N LYS B 13 -2.10 -18.00 -25.65
CA LYS B 13 -1.40 -17.72 -24.42
C LYS B 13 -2.15 -16.93 -23.38
N PRO B 14 -2.02 -17.36 -22.12
CA PRO B 14 -2.73 -16.65 -21.07
C PRO B 14 -2.16 -15.26 -20.83
N ASN B 15 -3.05 -14.27 -20.68
CA ASN B 15 -2.70 -12.92 -20.22
C ASN B 15 -3.70 -12.48 -19.12
N LEU B 16 -3.23 -11.61 -18.25
CA LEU B 16 -4.11 -10.94 -17.29
C LEU B 16 -4.35 -9.50 -17.78
N LYS B 17 -5.60 -9.20 -18.11
CA LYS B 17 -6.01 -7.84 -18.44
C LYS B 17 -6.45 -7.10 -17.15
N ILE B 18 -5.87 -5.91 -16.94
CA ILE B 18 -6.11 -5.06 -15.75
C ILE B 18 -6.79 -3.76 -16.20
N GLU B 19 -7.98 -3.51 -15.69
CA GLU B 19 -8.72 -2.32 -16.05
C GLU B 19 -8.71 -1.33 -14.89
N PHE B 20 -8.38 -0.10 -15.21
CA PHE B 20 -8.24 0.97 -14.26
C PHE B 20 -9.40 1.94 -14.42
N VAL B 21 -9.76 2.62 -13.34
CA VAL B 21 -10.83 3.61 -13.37
C VAL B 21 -10.51 4.78 -14.30
N SER B 22 -9.23 5.07 -14.54
CA SER B 22 -8.86 6.20 -15.40
C SER B 22 -7.53 6.08 -16.12
N GLU B 23 -7.35 6.93 -17.13
CA GLU B 23 -6.13 6.92 -17.95
C GLU B 23 -4.90 7.32 -17.12
N GLU B 24 -5.09 8.24 -16.19
CA GLU B 24 -4.01 8.71 -15.29
C GLU B 24 -3.46 7.62 -14.35
N GLU B 25 -4.37 6.96 -13.64
CA GLU B 25 -4.06 5.79 -12.84
C GLU B 25 -3.37 4.65 -13.65
N LYS B 26 -3.87 4.34 -14.82
CA LYS B 26 -3.26 3.32 -15.65
C LYS B 26 -1.79 3.71 -15.95
N SER B 27 -1.57 4.94 -16.40
CA SER B 27 -0.25 5.35 -16.86
C SER B 27 0.76 5.38 -15.72
N ASN B 28 0.30 5.79 -14.54
CA ASN B 28 1.12 5.79 -13.33
C ASN B 28 1.49 4.37 -12.93
N PHE B 29 0.50 3.49 -12.86
CA PHE B 29 0.74 2.11 -12.47
C PHE B 29 1.73 1.50 -13.47
N PHE B 30 1.56 1.78 -14.77
CA PHE B 30 2.45 1.27 -15.84
C PHE B 30 3.90 1.72 -15.63
N LYS B 31 4.10 3.03 -15.46
CA LYS B 31 5.44 3.59 -15.22
C LYS B 31 6.09 3.07 -13.92
N GLU B 32 5.37 3.16 -12.79
CA GLU B 32 5.90 2.70 -11.49
C GLU B 32 6.25 1.22 -11.46
N VAL B 33 5.35 0.39 -11.97
CA VAL B 33 5.55 -1.08 -11.93
C VAL B 33 6.75 -1.47 -12.78
N LYS B 34 6.75 -1.00 -14.01
CA LYS B 34 7.88 -1.21 -14.94
C LYS B 34 9.19 -0.77 -14.32
N LYS B 35 9.20 0.39 -13.65
CA LYS B 35 10.44 0.89 -13.07
C LYS B 35 10.91 -0.05 -11.97
N LYS B 36 9.97 -0.45 -11.11
CA LYS B 36 10.25 -1.35 -9.99
C LYS B 36 10.83 -2.65 -10.50
N ALA B 37 10.24 -3.18 -11.58
CA ALA B 37 10.70 -4.44 -12.18
C ALA B 37 12.15 -4.28 -12.65
N SER B 38 12.46 -3.15 -13.28
CA SER B 38 13.78 -2.97 -13.86
C SER B 38 14.81 -2.71 -12.78
N GLU B 39 14.43 -2.01 -11.71
CA GLU B 39 15.30 -1.86 -10.53
C GLU B 39 15.72 -3.21 -9.94
N LEU B 40 14.85 -4.21 -10.04
CA LEU B 40 15.09 -5.58 -9.58
C LEU B 40 15.78 -6.49 -10.63
N GLY B 41 16.15 -5.93 -11.77
CA GLY B 41 16.83 -6.75 -12.82
C GLY B 41 15.91 -7.59 -13.70
N LEU B 42 14.62 -7.29 -13.61
CA LEU B 42 13.56 -8.05 -14.25
C LEU B 42 13.05 -7.34 -15.49
N ASN B 43 12.67 -8.14 -16.49
CA ASN B 43 11.87 -7.67 -17.60
C ASN B 43 10.42 -8.17 -17.40
N PHE B 44 9.60 -7.41 -16.65
CA PHE B 44 8.22 -7.84 -16.40
C PHE B 44 7.30 -7.46 -17.56
N PRO B 45 6.66 -8.48 -18.21
CA PRO B 45 5.90 -8.26 -19.43
C PRO B 45 4.53 -7.60 -19.21
N LEU B 46 4.50 -6.45 -18.51
CA LEU B 46 3.32 -5.57 -18.43
C LEU B 46 3.33 -4.59 -19.62
N VAL B 47 2.32 -4.65 -20.48
CA VAL B 47 2.26 -3.81 -21.68
C VAL B 47 0.94 -3.02 -21.73
N GLN B 48 0.83 -2.12 -22.72
CA GLN B 48 -0.42 -1.37 -22.97
C GLN B 48 -1.54 -2.25 -23.46
N GLY B 49 -2.72 -2.05 -22.87
CA GLY B 49 -3.91 -2.73 -23.31
C GLY B 49 -4.62 -1.85 -24.33
N SER B 50 -4.97 -0.66 -23.87
CA SER B 50 -5.92 0.21 -24.52
C SER B 50 -5.79 1.47 -23.73
N GLY B 51 -6.87 2.29 -23.77
CA GLY B 51 -6.95 3.55 -23.04
C GLY B 51 -7.05 3.46 -21.53
N ASN B 52 -7.58 2.34 -21.03
CA ASN B 52 -7.75 2.16 -19.57
CA ASN B 52 -7.73 2.15 -19.58
C ASN B 52 -7.17 0.84 -19.03
N SER B 53 -6.94 -0.10 -19.93
CA SER B 53 -6.41 -1.39 -19.53
C SER B 53 -4.91 -1.48 -19.73
N LEU B 54 -4.29 -2.35 -18.93
CA LEU B 54 -2.98 -2.90 -19.22
C LEU B 54 -3.11 -4.41 -19.36
N LEU B 55 -2.04 -5.06 -19.79
CA LEU B 55 -1.99 -6.51 -19.92
C LEU B 55 -0.70 -7.06 -19.36
N ILE B 56 -0.79 -8.09 -18.52
CA ILE B 56 0.41 -8.84 -18.13
C ILE B 56 0.49 -9.97 -19.15
N GLU B 57 1.58 -10.02 -19.92
CA GLU B 57 1.70 -11.04 -20.97
C GLU B 57 2.14 -12.42 -20.48
N ALA B 58 2.17 -13.40 -21.37
CA ALA B 58 2.54 -14.74 -20.94
C ALA B 58 4.00 -14.80 -20.56
N SER B 59 4.32 -15.65 -19.58
CA SER B 59 5.68 -16.12 -19.36
CA SER B 59 5.67 -16.13 -19.34
C SER B 59 6.27 -16.78 -20.61
N ASN B 60 7.59 -16.66 -20.76
CA ASN B 60 8.32 -17.25 -21.89
C ASN B 60 9.61 -17.95 -21.41
N TYR B 61 9.43 -18.94 -20.54
CA TYR B 61 10.52 -19.70 -19.93
C TYR B 61 11.22 -20.50 -21.01
N PRO B 62 12.58 -20.59 -20.96
CA PRO B 62 13.49 -20.05 -19.94
C PRO B 62 13.92 -18.60 -20.13
N ILE B 63 13.62 -18.05 -21.30
CA ILE B 63 14.18 -16.74 -21.71
C ILE B 63 13.60 -15.60 -20.85
N ASN B 64 12.29 -15.67 -20.57
CA ASN B 64 11.62 -14.73 -19.68
C ASN B 64 10.57 -15.46 -18.84
N PRO B 65 10.92 -15.81 -17.58
CA PRO B 65 10.03 -16.63 -16.78
C PRO B 65 8.99 -15.80 -16.03
N CYS B 66 9.07 -14.47 -16.13
CA CYS B 66 8.03 -13.55 -15.61
C CYS B 66 6.80 -13.50 -16.52
N GLY B 67 5.64 -13.46 -15.87
CA GLY B 67 4.36 -13.38 -16.57
C GLY B 67 3.37 -14.47 -16.18
N CYS B 68 2.31 -14.59 -16.99
CA CYS B 68 1.23 -15.58 -16.80
C CYS B 68 1.48 -16.93 -17.43
N TYR B 69 0.94 -17.95 -16.77
CA TYR B 69 1.00 -19.32 -17.23
C TYR B 69 -0.06 -20.16 -16.52
N ILE B 70 -0.36 -21.32 -17.07
CA ILE B 70 -1.38 -22.19 -16.51
C ILE B 70 -0.69 -23.28 -15.70
N SER B 71 -0.83 -23.22 -14.38
CA SER B 71 -0.22 -24.23 -13.50
C SER B 71 -0.85 -25.62 -13.77
N PRO B 72 -0.10 -26.71 -13.53
CA PRO B 72 -0.60 -28.08 -13.79
C PRO B 72 -2.01 -28.37 -13.26
N GLY B 73 -2.38 -27.77 -12.13
CA GLY B 73 -3.72 -27.91 -11.56
C GLY B 73 -4.75 -27.11 -12.33
N GLY B 74 -4.37 -26.59 -13.49
CA GLY B 74 -5.25 -25.75 -14.32
C GLY B 74 -5.47 -24.30 -13.89
N LYS B 75 -4.80 -23.83 -12.82
CA LYS B 75 -4.99 -22.47 -12.32
C LYS B 75 -4.21 -21.46 -13.16
N LEU B 76 -4.72 -20.22 -13.27
CA LEU B 76 -3.91 -19.14 -13.82
C LEU B 76 -2.87 -18.66 -12.78
N ALA B 77 -1.61 -18.59 -13.21
CA ALA B 77 -0.51 -18.27 -12.29
C ALA B 77 0.32 -17.15 -12.84
N ILE B 78 0.81 -16.27 -11.96
CA ILE B 78 1.66 -15.18 -12.39
C ILE B 78 2.98 -15.21 -11.68
N ASN B 79 4.04 -15.43 -12.47
CA ASN B 79 5.41 -15.36 -11.96
C ASN B 79 5.87 -13.90 -12.06
N PHE B 80 6.07 -13.27 -10.90
CA PHE B 80 6.57 -11.90 -10.81
C PHE B 80 8.10 -11.79 -10.75
N GLY B 81 8.80 -12.89 -11.04
CA GLY B 81 10.28 -12.96 -11.00
C GLY B 81 10.90 -12.84 -9.61
N LYS B 82 10.49 -11.83 -8.84
CA LYS B 82 11.03 -11.63 -7.46
C LYS B 82 9.95 -11.21 -6.52
N VAL B 83 10.09 -11.62 -5.25
CA VAL B 83 9.06 -11.40 -4.24
C VAL B 83 8.75 -9.90 -4.00
N GLU B 84 9.76 -9.05 -4.20
CA GLU B 84 9.61 -7.61 -4.00
C GLU B 84 8.73 -6.99 -5.06
N LEU B 85 8.72 -7.54 -6.28
CA LEU B 85 7.81 -7.02 -7.29
C LEU B 85 6.36 -7.43 -6.99
N SER B 86 6.17 -8.61 -6.40
CA SER B 86 4.82 -9.09 -6.07
CA SER B 86 4.83 -9.08 -6.09
C SER B 86 4.26 -8.21 -4.97
N HIS B 87 5.12 -7.82 -4.04
CA HIS B 87 4.74 -6.96 -2.93
C HIS B 87 4.40 -5.57 -3.42
N PHE B 88 5.03 -5.13 -4.50
CA PHE B 88 4.72 -3.83 -5.13
C PHE B 88 3.37 -3.87 -5.80
N ILE B 89 3.17 -4.87 -6.67
CA ILE B 89 2.01 -4.94 -7.54
C ILE B 89 0.71 -5.27 -6.78
N LEU B 90 0.72 -6.28 -5.93
CA LEU B 90 -0.55 -6.90 -5.53
C LEU B 90 -1.53 -5.94 -4.85
N PRO B 91 -1.05 -5.10 -3.90
CA PRO B 91 -1.93 -4.12 -3.27
C PRO B 91 -2.44 -3.05 -4.22
N LYS B 92 -1.68 -2.73 -5.26
CA LYS B 92 -2.13 -1.79 -6.29
C LYS B 92 -3.28 -2.37 -7.12
N VAL B 93 -3.21 -3.66 -7.40
CA VAL B 93 -4.29 -4.33 -8.14
C VAL B 93 -5.46 -4.73 -7.22
N GLY B 94 -5.16 -4.95 -5.94
CA GLY B 94 -6.20 -5.39 -5.02
C GLY B 94 -6.30 -6.90 -4.86
N VAL B 95 -5.26 -7.64 -5.26
CA VAL B 95 -5.30 -9.06 -5.06
C VAL B 95 -4.88 -9.42 -3.62
N LYS B 96 -5.70 -10.23 -2.94
CA LYS B 96 -5.41 -10.68 -1.59
C LYS B 96 -5.64 -12.20 -1.49
N THR B 97 -5.36 -12.74 -0.29
CA THR B 97 -5.68 -14.11 0.12
C THR B 97 -6.99 -14.66 -0.45
N GLU B 98 -8.07 -13.88 -0.39
CA GLU B 98 -9.37 -14.37 -0.89
C GLU B 98 -9.42 -14.65 -2.39
N HIS B 99 -8.45 -14.10 -3.14
CA HIS B 99 -8.38 -14.20 -4.61
C HIS B 99 -7.35 -15.23 -5.14
N ALA B 100 -6.22 -15.29 -4.46
CA ALA B 100 -5.08 -16.02 -4.98
C ALA B 100 -4.34 -16.69 -3.85
N GLU B 101 -3.61 -17.78 -4.19
CA GLU B 101 -2.58 -18.33 -3.32
C GLU B 101 -1.33 -17.46 -3.42
N ILE B 102 -0.92 -16.90 -2.32
CA ILE B 102 0.23 -16.04 -2.28
C ILE B 102 1.08 -16.57 -1.14
N PHE B 103 2.30 -17.02 -1.43
CA PHE B 103 3.17 -17.61 -0.41
C PHE B 103 4.27 -16.67 0.11
N LYS B 104 4.70 -16.90 1.36
CA LYS B 104 5.57 -16.00 2.15
C LYS B 104 6.69 -15.32 1.36
N ASP B 105 7.66 -16.09 0.90
CA ASP B 105 8.82 -15.53 0.20
C ASP B 105 8.87 -15.94 -1.27
N HIS B 106 7.72 -16.32 -1.82
CA HIS B 106 7.65 -16.88 -3.17
C HIS B 106 7.41 -15.75 -4.17
N ASN B 107 7.65 -16.04 -5.46
CA ASN B 107 7.57 -15.05 -6.56
C ASN B 107 6.36 -15.19 -7.46
N THR B 108 5.61 -16.28 -7.25
CA THR B 108 4.50 -16.66 -8.08
C THR B 108 3.22 -16.82 -7.27
N ILE B 109 2.15 -16.19 -7.76
CA ILE B 109 0.80 -16.40 -7.21
C ILE B 109 -0.04 -17.27 -8.11
N PHE B 110 -1.09 -17.87 -7.56
CA PHE B 110 -1.99 -18.75 -8.29
C PHE B 110 -3.42 -18.41 -7.93
N PHE B 111 -4.20 -17.99 -8.93
CA PHE B 111 -5.61 -17.60 -8.69
C PHE B 111 -6.48 -18.82 -8.44
N HIS B 112 -7.32 -18.75 -7.40
CA HIS B 112 -8.18 -19.89 -7.09
C HIS B 112 -9.13 -20.19 -8.25
N LYS B 113 -9.34 -21.49 -8.57
CA LYS B 113 -10.28 -21.91 -9.62
C LYS B 113 -11.70 -21.40 -9.38
N HIS B 114 -12.16 -21.39 -8.13
CA HIS B 114 -13.51 -20.89 -7.88
C HIS B 114 -13.59 -19.37 -8.05
N LYS B 115 -12.44 -18.71 -8.12
CA LYS B 115 -12.41 -17.28 -8.39
C LYS B 115 -12.16 -16.94 -9.87
N LEU B 116 -11.19 -17.63 -10.46
CA LEU B 116 -10.92 -17.42 -11.87
C LEU B 116 -10.81 -18.82 -12.51
N PRO B 117 -11.97 -19.46 -12.80
CA PRO B 117 -11.98 -20.86 -13.29
C PRO B 117 -11.35 -21.05 -14.67
N GLY B 118 -11.55 -20.09 -15.57
CA GLY B 118 -11.08 -20.24 -16.96
C GLY B 118 -10.87 -18.98 -17.79
N VAL B 119 -10.58 -19.18 -19.07
CA VAL B 119 -10.40 -18.08 -19.99
C VAL B 119 -11.68 -17.27 -20.10
N ASN B 120 -11.51 -15.96 -20.18
CA ASN B 120 -12.58 -14.99 -20.17
C ASN B 120 -13.25 -14.76 -18.79
N SER B 121 -12.78 -15.46 -17.73
CA SER B 121 -13.31 -15.24 -16.37
CA SER B 121 -13.31 -15.24 -16.37
C SER B 121 -12.84 -13.89 -15.85
N GLU B 122 -13.71 -13.23 -15.08
CA GLU B 122 -13.51 -11.86 -14.65
C GLU B 122 -13.58 -11.74 -13.14
N LEU B 123 -12.84 -10.78 -12.61
CA LEU B 123 -12.88 -10.55 -11.19
C LEU B 123 -13.02 -9.04 -10.97
N THR B 124 -14.13 -8.63 -10.40
CA THR B 124 -14.34 -7.20 -10.21
C THR B 124 -13.95 -6.82 -8.78
N PHE B 125 -13.57 -5.56 -8.59
CA PHE B 125 -13.26 -4.97 -7.27
C PHE B 125 -14.17 -3.77 -7.08
N ILE B 126 -15.08 -3.93 -6.15
CA ILE B 126 -16.04 -2.90 -5.81
C ILE B 126 -15.44 -2.16 -4.61
N PRO B 127 -15.27 -0.84 -4.73
CA PRO B 127 -14.62 -0.13 -3.63
C PRO B 127 -15.43 -0.30 -2.36
N THR B 128 -14.75 -0.49 -1.24
CA THR B 128 -15.44 -0.75 0.02
C THR B 128 -16.32 0.45 0.42
N GLY B 129 -17.39 0.15 1.15
CA GLY B 129 -18.44 1.11 1.54
C GLY B 129 -19.20 1.99 0.56
N THR B 130 -19.73 1.45 -0.54
CA THR B 130 -20.41 2.26 -1.60
C THR B 130 -21.99 2.29 -1.77
N PRO B 131 -22.69 1.13 -1.83
CA PRO B 131 -24.12 1.37 -1.99
C PRO B 131 -24.98 0.37 -1.22
P CMP C . -6.55 16.15 -0.04
O1P CMP C . -5.96 17.44 0.47
O2P CMP C . -5.82 15.38 -1.13
O5' CMP C . -8.06 16.39 -0.51
C5' CMP C . -8.97 15.28 -0.60
C4' CMP C . -8.97 14.60 0.77
O4' CMP C . -9.74 13.41 0.91
C3' CMP C . -7.59 14.10 1.15
O3' CMP C . -6.68 15.20 1.26
C2' CMP C . -7.88 13.27 2.37
O2' CMP C . -8.23 14.06 3.51
C1' CMP C . -9.16 12.60 1.93
N9 CMP C . -8.80 11.26 1.46
C8 CMP C . -8.74 10.85 0.15
N7 CMP C . -8.36 9.57 0.08
C5 CMP C . -8.16 9.14 1.36
C6 CMP C . -7.75 7.87 2.01
N6 CMP C . -7.45 6.74 1.27
N1 CMP C . -7.71 7.87 3.36
C2 CMP C . -7.99 8.94 4.12
N3 CMP C . -8.35 10.13 3.60
C4 CMP C . -8.45 10.26 2.25
P CMP D . 5.55 -24.06 -8.38
O1P CMP D . 5.47 -23.85 -6.87
O2P CMP D . 4.35 -24.62 -9.15
O5' CMP D . 6.82 -25.04 -8.73
C5' CMP D . 7.60 -24.88 -9.94
C4' CMP D . 7.85 -23.39 -10.18
O4' CMP D . 8.60 -23.04 -11.36
C3' CMP D . 6.54 -22.62 -10.28
O3' CMP D . 5.91 -22.59 -9.00
C2' CMP D . 6.98 -21.31 -10.92
O2' CMP D . 7.43 -20.34 -9.97
C1' CMP D . 8.11 -21.79 -11.86
N9 CMP D . 7.45 -22.05 -13.18
C8 CMP D . 6.77 -23.18 -13.54
N7 CMP D . 6.26 -23.06 -14.79
C5 CMP D . 6.60 -21.83 -15.25
C6 CMP D . 6.39 -21.04 -16.48
N6 CMP D . 5.70 -21.55 -17.53
N1 CMP D . 6.91 -19.78 -16.52
C2 CMP D . 7.63 -19.24 -15.50
N3 CMP D . 7.85 -19.90 -14.37
C4 CMP D . 7.38 -21.17 -14.18
#